data_7WC6
#
_entry.id   7WC6
#
_cell.length_a   49.580
_cell.length_b   54.450
_cell.length_c   178.940
_cell.angle_alpha   90.000
_cell.angle_beta   90.000
_cell.angle_gamma   90.000
#
_symmetry.space_group_name_H-M   'P 21 2 21'
#
loop_
_entity.id
_entity.type
_entity.pdbx_description
1 polymer '5-hydroxytryptamine receptor 2A,Soluble cytochrome b562'
2 non-polymer 'MAGNESIUM ION'
3 non-polymer CHOLESTEROL
4 non-polymer '(2R)-2,3-dihydroxypropyl (9Z)-octadec-9-enoate'
5 non-polymer (8alpha)-N,N-diethyl-6-methyl-9,10-didehydroergoline-8-carboxamide
6 non-polymer 'PENTAETHYLENE GLYCOL'
7 non-polymer DI(HYDROXYETHYL)ETHER
8 water water
#
_entity_poly.entity_id   1
_entity_poly.type   'polypeptide(L)'
_entity_poly.pdbx_seq_one_letter_code
;SLLHLQEKNWSALLTAVVIILTIAGNILVIMAVSLEKKLQNATNYFLMSLAIADMLLGFLVMPVSMLTILYGYRWPLPSK
LCAVWIYLDVLFSTAKIWHLCAISLDRYVAIQNPIHHSRFNSRTKAFLKIIAVWTISVGISMPIPVFGLQDDSKVFKEGS
CLLADDNFVLIGSFVSFFIPLTIMVITYFLTIKSLQKEAADLEDNWETLNDNLKVIEKADNAAQVKDALTKMRAAALDAG
SGSGDILVGQIDDALKLANEGKVKEAQAAAEQLKTTINAYIQKYGQSISNEQKACKVLGIVFFLFVVMWCPFFITNIMAV
ICKESCNEDVIGALLNVFVWIGYLNSAVNPLVYTLFNKTYRSAFSRYIQCQYKENK
;
_entity_poly.pdbx_strand_id   A
#
loop_
_chem_comp.id
_chem_comp.type
_chem_comp.name
_chem_comp.formula
1PE non-polymer 'PENTAETHYLENE GLYCOL' 'C10 H22 O6'
7LD non-polymer (8alpha)-N,N-diethyl-6-methyl-9,10-didehydroergoline-8-carboxamide 'C20 H25 N3 O'
CLR non-polymer CHOLESTEROL 'C27 H46 O'
MG non-polymer 'MAGNESIUM ION' 'Mg 2'
OLC non-polymer '(2R)-2,3-dihydroxypropyl (9Z)-octadec-9-enoate' 'C21 H40 O4'
PEG non-polymer DI(HYDROXYETHYL)ETHER 'C4 H10 O3'
#
# COMPACT_ATOMS: atom_id res chain seq x y z
N LYS A 8 -2.95 25.51 30.59
CA LYS A 8 -2.83 24.25 31.43
C LYS A 8 -3.65 23.12 30.78
N ASN A 9 -3.02 22.18 30.07
CA ASN A 9 -3.76 21.16 29.25
C ASN A 9 -3.29 19.73 29.56
N TRP A 10 -4.24 18.82 29.83
CA TRP A 10 -3.99 17.35 29.99
C TRP A 10 -3.84 16.69 28.62
N SER A 11 -4.33 17.37 27.58
CA SER A 11 -4.32 16.86 26.19
C SER A 11 -2.86 16.65 25.74
N ALA A 12 -1.99 17.60 26.02
CA ALA A 12 -0.58 17.58 25.55
C ALA A 12 0.12 16.27 25.99
N LEU A 13 -0.13 15.77 27.20
CA LEU A 13 0.45 14.46 27.65
C LEU A 13 0.00 13.37 26.67
N LEU A 14 -1.31 13.22 26.51
CA LEU A 14 -1.89 12.23 25.57
C LEU A 14 -1.26 12.43 24.19
N THR A 15 -1.01 13.67 23.75
CA THR A 15 -0.52 13.97 22.38
C THR A 15 0.98 13.71 22.29
N ALA A 16 1.70 13.73 23.41
CA ALA A 16 3.16 13.49 23.45
C ALA A 16 3.47 12.01 23.20
N VAL A 17 2.58 11.10 23.63
CA VAL A 17 2.68 9.64 23.39
C VAL A 17 2.60 9.40 21.88
N VAL A 18 1.70 10.10 21.18
CA VAL A 18 1.41 9.91 19.73
C VAL A 18 2.62 10.41 18.92
N ILE A 19 3.38 11.36 19.42
CA ILE A 19 4.57 11.87 18.68
C ILE A 19 5.66 10.82 18.77
N ILE A 20 5.80 10.16 19.91
CA ILE A 20 6.95 9.24 20.15
C ILE A 20 6.69 7.91 19.39
N LEU A 21 5.49 7.38 19.46
CA LEU A 21 5.12 6.14 18.75
C LEU A 21 5.25 6.35 17.23
N THR A 22 4.92 7.53 16.75
CA THR A 22 5.17 7.95 15.34
C THR A 22 6.67 7.88 15.03
N ILE A 23 7.52 8.53 15.81
CA ILE A 23 8.93 8.75 15.42
C ILE A 23 9.66 7.40 15.48
N ALA A 24 9.57 6.71 16.61
CA ALA A 24 10.30 5.45 16.86
C ALA A 24 9.72 4.31 16.02
N GLY A 25 8.42 4.25 15.92
CA GLY A 25 7.76 3.25 15.06
C GLY A 25 8.26 3.35 13.64
N ASN A 26 8.26 4.55 13.07
CA ASN A 26 8.58 4.74 11.64
C ASN A 26 10.08 4.71 11.40
N ILE A 27 10.90 5.01 12.41
CA ILE A 27 12.38 4.83 12.30
C ILE A 27 12.65 3.34 12.08
N LEU A 28 11.97 2.46 12.82
CA LEU A 28 12.14 0.98 12.70
C LEU A 28 11.82 0.52 11.27
N VAL A 29 10.82 1.12 10.62
CA VAL A 29 10.39 0.72 9.24
C VAL A 29 11.48 1.14 8.24
N ILE A 30 12.02 2.34 8.39
CA ILE A 30 13.06 2.89 7.49
C ILE A 30 14.32 2.03 7.66
N MET A 31 14.61 1.62 8.90
CA MET A 31 15.76 0.73 9.23
C MET A 31 15.55 -0.65 8.60
N ALA A 32 14.33 -1.20 8.60
CA ALA A 32 14.04 -2.56 8.12
C ALA A 32 14.19 -2.63 6.60
N VAL A 33 13.66 -1.65 5.87
CA VAL A 33 13.68 -1.66 4.36
C VAL A 33 15.12 -1.41 3.88
N SER A 34 15.87 -0.51 4.54
CA SER A 34 17.29 -0.20 4.19
C SER A 34 18.17 -1.43 4.41
N LEU A 35 17.94 -2.21 5.48
CA LEU A 35 18.91 -3.22 5.97
C LEU A 35 18.47 -4.63 5.59
N GLU A 36 17.20 -4.99 5.78
CA GLU A 36 16.76 -6.41 5.60
C GLU A 36 16.61 -6.72 4.11
N LYS A 37 17.35 -7.71 3.60
CA LYS A 37 17.45 -8.00 2.15
C LYS A 37 16.16 -8.68 1.66
N LYS A 38 15.36 -9.27 2.55
CA LYS A 38 14.08 -9.91 2.16
C LYS A 38 13.04 -8.84 1.80
N LEU A 39 13.19 -7.60 2.29
CA LEU A 39 12.23 -6.48 2.06
C LEU A 39 12.68 -5.56 0.91
N GLN A 40 13.50 -6.02 -0.05
CA GLN A 40 14.07 -5.13 -1.09
C GLN A 40 13.17 -5.16 -2.34
N ASN A 41 11.87 -5.04 -2.20
CA ASN A 41 10.97 -5.02 -3.38
C ASN A 41 10.31 -3.64 -3.43
N ALA A 42 9.61 -3.36 -4.54
CA ALA A 42 9.11 -2.04 -4.94
C ALA A 42 8.06 -1.54 -3.95
N THR A 43 7.25 -2.44 -3.40
CA THR A 43 6.18 -2.06 -2.45
C THR A 43 6.82 -1.51 -1.17
N ASN A 44 7.83 -2.19 -0.64
CA ASN A 44 8.48 -1.81 0.62
C ASN A 44 9.26 -0.51 0.44
N TYR A 45 9.67 -0.20 -0.79
CA TYR A 45 10.37 1.08 -1.05
C TYR A 45 9.38 2.24 -0.92
N PHE A 46 8.14 2.06 -1.38
CA PHE A 46 7.04 3.02 -1.15
C PHE A 46 6.69 3.10 0.34
N LEU A 47 6.80 2.00 1.10
CA LEU A 47 6.43 2.00 2.54
C LEU A 47 7.50 2.73 3.38
N MET A 48 8.77 2.71 2.96
CA MET A 48 9.86 3.45 3.63
C MET A 48 9.61 4.94 3.44
N SER A 49 9.33 5.33 2.19
CA SER A 49 9.04 6.72 1.77
C SER A 49 7.85 7.27 2.53
N LEU A 50 6.87 6.41 2.78
CA LEU A 50 5.65 6.73 3.55
C LEU A 50 6.06 6.94 5.00
N ALA A 51 6.97 6.10 5.51
CA ALA A 51 7.45 6.15 6.91
C ALA A 51 8.22 7.44 7.15
N ILE A 52 8.96 7.91 6.14
CA ILE A 52 9.76 9.16 6.24
C ILE A 52 8.76 10.30 6.43
N ALA A 53 7.66 10.30 5.66
CA ALA A 53 6.57 11.30 5.71
C ALA A 53 5.94 11.28 7.11
N ASP A 54 5.69 10.09 7.64
CA ASP A 54 5.13 9.88 9.00
C ASP A 54 6.09 10.42 10.06
N MET A 55 7.36 10.07 9.95
CA MET A 55 8.41 10.57 10.86
C MET A 55 8.47 12.10 10.79
N LEU A 56 8.44 12.67 9.57
CA LEU A 56 8.51 14.12 9.33
C LEU A 56 7.26 14.80 9.89
N LEU A 57 6.12 14.17 9.72
CA LEU A 57 4.85 14.66 10.31
C LEU A 57 4.99 14.72 11.84
N GLY A 58 5.65 13.73 12.44
CA GLY A 58 5.87 13.68 13.90
C GLY A 58 7.04 14.54 14.36
N PHE A 59 7.95 14.96 13.48
CA PHE A 59 9.06 15.84 13.89
C PHE A 59 8.63 17.30 13.75
N LEU A 60 8.06 17.64 12.60
CA LEU A 60 7.87 19.05 12.20
C LEU A 60 6.44 19.48 12.60
N VAL A 61 5.44 18.67 12.28
CA VAL A 61 4.03 19.16 12.30
C VAL A 61 3.41 18.88 13.67
N MET A 62 3.53 17.67 14.16
CA MET A 62 2.81 17.22 15.38
C MET A 62 3.32 17.95 16.62
N PRO A 63 4.63 18.22 16.88
CA PRO A 63 5.01 19.02 18.05
C PRO A 63 4.50 20.46 18.05
N VAL A 64 4.44 21.11 16.88
CA VAL A 64 3.93 22.49 16.75
C VAL A 64 2.42 22.45 16.98
N SER A 65 1.75 21.38 16.55
CA SER A 65 0.30 21.15 16.81
C SER A 65 0.05 21.03 18.31
N MET A 66 0.95 20.36 19.05
CA MET A 66 0.87 20.18 20.51
C MET A 66 1.03 21.56 21.18
N LEU A 67 1.87 22.41 20.61
CA LEU A 67 2.23 23.73 21.17
C LEU A 67 1.01 24.63 21.16
N THR A 68 0.21 24.58 20.10
CA THR A 68 -0.99 25.44 19.94
C THR A 68 -2.05 25.00 20.96
N ILE A 69 -2.14 23.71 21.30
CA ILE A 69 -3.08 23.21 22.34
C ILE A 69 -2.69 23.85 23.67
N LEU A 70 -1.38 24.02 23.86
CA LEU A 70 -0.83 24.61 25.11
C LEU A 70 -0.98 26.14 25.13
N TYR A 71 -1.37 26.79 24.04
CA TYR A 71 -1.64 28.26 24.03
C TYR A 71 -3.10 28.56 23.64
N GLY A 72 -4.05 27.68 24.00
CA GLY A 72 -5.50 27.88 23.78
C GLY A 72 -5.84 28.13 22.32
N TYR A 73 -5.03 27.54 21.43
CA TYR A 73 -5.13 27.58 19.94
C TYR A 73 -4.74 28.98 19.42
N ARG A 74 -4.29 29.90 20.28
CA ARG A 74 -3.65 31.16 19.85
C ARG A 74 -2.29 30.79 19.28
N TRP A 75 -1.88 31.34 18.14
CA TRP A 75 -0.65 30.93 17.42
C TRP A 75 0.57 31.44 18.17
N PRO A 76 1.36 30.57 18.85
CA PRO A 76 2.50 30.99 19.68
C PRO A 76 3.68 31.57 18.89
N LEU A 77 3.96 31.00 17.73
CA LEU A 77 5.20 31.26 16.94
C LEU A 77 5.04 32.56 16.17
N PRO A 78 6.10 33.07 15.54
CA PRO A 78 6.01 34.14 14.53
C PRO A 78 4.96 33.92 13.43
N SER A 79 4.18 34.96 13.12
CA SER A 79 2.98 34.85 12.25
C SER A 79 3.35 34.17 10.94
N LYS A 80 4.45 34.57 10.28
CA LYS A 80 4.83 34.04 8.94
C LYS A 80 5.35 32.59 9.04
N LEU A 81 5.39 31.99 10.25
CA LEU A 81 5.64 30.52 10.41
C LEU A 81 4.32 29.77 10.33
N CYS A 82 3.19 30.44 10.38
CA CYS A 82 1.86 29.77 10.28
C CYS A 82 1.71 29.05 8.94
N ALA A 83 1.86 29.76 7.84
CA ALA A 83 1.72 29.21 6.47
C ALA A 83 2.74 28.10 6.20
N VAL A 84 3.90 28.13 6.84
CA VAL A 84 4.95 27.08 6.68
C VAL A 84 4.46 25.76 7.31
N TRP A 85 3.99 25.83 8.55
CA TRP A 85 3.38 24.70 9.29
C TRP A 85 2.18 24.16 8.51
N ILE A 86 1.34 25.03 7.94
CA ILE A 86 0.16 24.55 7.17
C ILE A 86 0.68 23.87 5.90
N TYR A 87 1.77 24.36 5.27
CA TYR A 87 2.30 23.75 4.04
C TYR A 87 2.94 22.42 4.42
N LEU A 88 3.65 22.32 5.54
CA LEU A 88 4.41 21.07 5.79
C LEU A 88 3.41 19.96 6.05
N ASP A 89 2.37 20.25 6.81
CA ASP A 89 1.35 19.26 7.19
C ASP A 89 0.63 18.78 5.94
N VAL A 90 0.18 19.71 5.10
CA VAL A 90 -0.56 19.31 3.87
C VAL A 90 0.40 18.58 2.93
N LEU A 91 1.64 19.04 2.75
CA LEU A 91 2.66 18.34 1.91
C LEU A 91 2.77 16.87 2.37
N PHE A 92 2.91 16.62 3.67
CA PHE A 92 3.15 15.26 4.18
C PHE A 92 1.87 14.45 4.00
N SER A 93 0.72 15.08 4.24
CA SER A 93 -0.60 14.44 4.13
C SER A 93 -0.90 14.10 2.67
N THR A 94 -0.52 14.97 1.73
CA THR A 94 -0.76 14.75 0.29
C THR A 94 0.13 13.58 -0.16
N ALA A 95 1.37 13.55 0.29
CA ALA A 95 2.36 12.51 -0.09
C ALA A 95 1.88 11.14 0.43
N LYS A 96 1.44 11.08 1.67
CA LYS A 96 0.99 9.80 2.27
C LYS A 96 -0.17 9.20 1.47
N ILE A 97 -1.18 9.99 1.08
CA ILE A 97 -2.31 9.42 0.29
C ILE A 97 -1.80 9.09 -1.12
N TRP A 98 -1.00 9.96 -1.77
CA TRP A 98 -0.62 9.71 -3.19
C TRP A 98 0.35 8.53 -3.27
N HIS A 99 1.11 8.24 -2.21
CA HIS A 99 1.94 7.01 -2.12
C HIS A 99 1.01 5.79 -2.10
N LEU A 100 0.01 5.78 -1.23
CA LEU A 100 -0.90 4.61 -1.06
C LEU A 100 -1.65 4.36 -2.37
N CYS A 101 -2.00 5.41 -3.08
CA CYS A 101 -2.58 5.32 -4.44
C CYS A 101 -1.54 4.73 -5.40
N ALA A 102 -0.29 5.15 -5.32
CA ALA A 102 0.79 4.69 -6.22
C ALA A 102 1.15 3.24 -5.91
N ILE A 103 0.97 2.75 -4.69
CA ILE A 103 1.24 1.32 -4.36
C ILE A 103 0.18 0.46 -5.03
N SER A 104 -1.07 0.77 -4.75
CA SER A 104 -2.26 0.04 -5.25
C SER A 104 -2.25 0.04 -6.79
N LEU A 105 -1.84 1.15 -7.40
CA LEU A 105 -1.76 1.31 -8.87
C LEU A 105 -0.61 0.46 -9.41
N ASP A 106 0.54 0.45 -8.74
CA ASP A 106 1.81 -0.19 -9.22
C ASP A 106 1.69 -1.70 -9.07
N ARG A 107 0.96 -2.16 -8.07
CA ARG A 107 0.81 -3.62 -7.87
C ARG A 107 -0.15 -4.22 -8.90
N TYR A 108 -1.22 -3.50 -9.22
CA TYR A 108 -2.21 -3.96 -10.21
C TYR A 108 -1.51 -4.12 -11.56
N VAL A 109 -0.75 -3.11 -11.95
CA VAL A 109 -0.07 -3.12 -13.28
C VAL A 109 0.85 -4.33 -13.29
N ALA A 110 1.49 -4.63 -12.17
CA ALA A 110 2.44 -5.75 -12.08
C ALA A 110 1.75 -7.07 -12.33
N ILE A 111 0.52 -7.26 -11.84
CA ILE A 111 -0.23 -8.51 -12.13
C ILE A 111 -0.47 -8.56 -13.64
N GLN A 112 -0.77 -7.42 -14.26
CA GLN A 112 -1.11 -7.35 -15.70
C GLN A 112 0.16 -7.17 -16.54
N ASN A 113 1.34 -7.25 -15.93
CA ASN A 113 2.63 -7.11 -16.65
C ASN A 113 3.48 -8.34 -16.31
N PRO A 114 4.57 -8.65 -17.05
CA PRO A 114 5.47 -9.72 -16.67
C PRO A 114 5.62 -9.87 -15.15
N SER A 122 13.56 -2.94 -10.53
CA SER A 122 14.73 -2.14 -10.11
C SER A 122 14.38 -1.26 -8.90
N ARG A 123 15.38 -0.96 -8.05
CA ARG A 123 15.30 0.05 -6.95
C ARG A 123 15.19 1.47 -7.56
N THR A 124 15.83 1.74 -8.71
CA THR A 124 15.77 3.03 -9.45
C THR A 124 14.37 3.20 -10.05
N LYS A 125 13.81 2.12 -10.55
CA LYS A 125 12.42 2.11 -11.09
C LYS A 125 11.48 2.65 -10.01
N ALA A 126 11.68 2.27 -8.74
CA ALA A 126 10.79 2.63 -7.62
C ALA A 126 11.10 4.07 -7.23
N PHE A 127 12.37 4.42 -7.14
CA PHE A 127 12.79 5.74 -6.66
C PHE A 127 12.22 6.82 -7.58
N LEU A 128 12.26 6.58 -8.89
CA LEU A 128 11.67 7.51 -9.88
C LEU A 128 10.17 7.70 -9.59
N LYS A 129 9.44 6.65 -9.25
CA LYS A 129 7.98 6.77 -8.96
C LYS A 129 7.80 7.58 -7.66
N ILE A 130 8.71 7.41 -6.72
CA ILE A 130 8.57 8.02 -5.37
C ILE A 130 8.81 9.53 -5.53
N ILE A 131 9.86 9.89 -6.26
CA ILE A 131 10.23 11.30 -6.53
C ILE A 131 9.08 11.97 -7.27
N ALA A 132 8.47 11.28 -8.23
CA ALA A 132 7.25 11.75 -8.97
C ALA A 132 6.14 12.09 -7.99
N VAL A 133 5.84 11.20 -7.06
CA VAL A 133 4.76 11.40 -6.06
C VAL A 133 5.10 12.62 -5.21
N TRP A 134 6.34 12.71 -4.69
CA TRP A 134 6.78 13.84 -3.85
C TRP A 134 6.72 15.13 -4.65
N THR A 135 7.19 15.14 -5.90
CA THR A 135 7.23 16.39 -6.72
C THR A 135 5.79 16.81 -7.05
N ILE A 136 4.89 15.86 -7.22
CA ILE A 136 3.44 16.16 -7.38
C ILE A 136 2.92 16.80 -6.08
N SER A 137 3.29 16.24 -4.93
CA SER A 137 2.78 16.70 -3.61
C SER A 137 3.36 18.07 -3.25
N VAL A 138 4.54 18.41 -3.73
CA VAL A 138 5.12 19.76 -3.57
C VAL A 138 4.32 20.73 -4.46
N GLY A 139 4.00 20.34 -5.70
CA GLY A 139 3.29 21.23 -6.65
C GLY A 139 1.85 21.51 -6.23
N ILE A 140 1.19 20.52 -5.66
CA ILE A 140 -0.20 20.63 -5.15
C ILE A 140 -0.24 21.61 -3.99
N SER A 141 0.69 21.48 -3.07
CA SER A 141 0.62 22.21 -1.77
C SER A 141 1.11 23.64 -1.93
N MET A 142 1.57 24.01 -3.14
CA MET A 142 2.31 25.25 -3.47
C MET A 142 1.48 26.52 -3.21
N PRO A 143 0.16 26.62 -3.56
CA PRO A 143 -0.61 27.83 -3.26
C PRO A 143 -0.69 28.25 -1.79
N ILE A 144 -0.47 27.32 -0.86
CA ILE A 144 -0.63 27.56 0.59
C ILE A 144 0.36 28.61 1.06
N PRO A 145 1.68 28.49 0.86
CA PRO A 145 2.55 29.63 1.16
C PRO A 145 2.50 30.74 0.11
N VAL A 146 2.33 30.42 -1.18
CA VAL A 146 2.43 31.45 -2.25
C VAL A 146 1.32 32.47 -2.03
N PHE A 147 0.10 32.03 -1.71
CA PHE A 147 -1.07 32.93 -1.60
C PHE A 147 -1.40 33.27 -0.14
N GLY A 148 -0.75 32.61 0.82
CA GLY A 148 -1.05 32.73 2.26
C GLY A 148 -0.02 33.50 3.01
N LEU A 149 1.23 33.50 2.55
CA LEU A 149 2.26 34.38 3.17
C LEU A 149 1.96 35.82 2.75
N GLN A 150 1.26 35.99 1.64
CA GLN A 150 0.82 37.31 1.12
C GLN A 150 -0.42 37.80 1.85
N ASP A 151 -1.37 36.90 2.18
CA ASP A 151 -2.63 37.22 2.89
C ASP A 151 -2.78 36.33 4.11
N ASP A 152 -2.71 36.90 5.30
CA ASP A 152 -2.84 36.18 6.58
C ASP A 152 -4.27 35.71 6.77
N SER A 153 -5.22 36.31 6.04
CA SER A 153 -6.68 36.03 6.13
C SER A 153 -6.93 34.57 5.75
N LYS A 154 -6.16 34.06 4.79
CA LYS A 154 -6.27 32.68 4.27
C LYS A 154 -5.69 31.67 5.26
N VAL A 155 -4.94 32.11 6.27
CA VAL A 155 -4.21 31.16 7.16
C VAL A 155 -4.48 31.43 8.64
N PHE A 156 -5.19 32.52 9.00
CA PHE A 156 -5.50 32.89 10.40
C PHE A 156 -7.02 33.05 10.59
N LYS A 157 -7.51 32.77 11.80
CA LYS A 157 -8.93 32.87 12.19
C LYS A 157 -9.01 33.11 13.69
N GLU A 158 -9.21 34.37 14.09
CA GLU A 158 -9.22 34.82 15.51
C GLU A 158 -7.86 34.43 16.13
N GLY A 159 -6.76 34.75 15.43
CA GLY A 159 -5.40 34.47 15.91
C GLY A 159 -5.06 32.98 15.98
N SER A 160 -5.81 32.11 15.28
CA SER A 160 -5.55 30.64 15.21
C SER A 160 -5.05 30.31 13.81
N CYS A 161 -3.94 29.60 13.73
CA CYS A 161 -3.33 29.15 12.44
C CYS A 161 -4.09 27.91 11.92
N LEU A 162 -4.97 28.11 10.95
CA LEU A 162 -5.71 27.02 10.31
C LEU A 162 -5.95 27.44 8.87
N LEU A 163 -6.10 26.51 7.94
CA LEU A 163 -6.38 26.98 6.57
C LEU A 163 -7.78 27.59 6.63
N ALA A 164 -7.88 28.90 6.43
CA ALA A 164 -9.17 29.60 6.60
C ALA A 164 -9.82 29.83 5.23
N ASP A 165 -9.04 29.80 4.16
CA ASP A 165 -9.59 30.03 2.79
C ASP A 165 -10.47 28.82 2.43
N ASP A 166 -11.76 29.04 2.23
CA ASP A 166 -12.75 27.95 1.99
C ASP A 166 -12.48 27.27 0.65
N ASN A 167 -12.01 28.03 -0.34
CA ASN A 167 -11.76 27.48 -1.71
C ASN A 167 -10.58 26.52 -1.62
N PHE A 168 -9.51 26.90 -0.93
CA PHE A 168 -8.32 26.04 -0.72
C PHE A 168 -8.76 24.80 0.04
N VAL A 169 -9.64 24.94 1.03
CA VAL A 169 -10.08 23.74 1.80
C VAL A 169 -10.80 22.77 0.84
N LEU A 170 -11.78 23.22 0.07
CA LEU A 170 -12.57 22.36 -0.83
C LEU A 170 -11.67 21.72 -1.88
N ILE A 171 -10.96 22.54 -2.67
CA ILE A 171 -10.01 22.05 -3.72
C ILE A 171 -9.05 21.09 -3.02
N GLY A 172 -8.47 21.53 -1.92
CA GLY A 172 -7.49 20.72 -1.19
C GLY A 172 -8.06 19.43 -0.64
N SER A 173 -9.33 19.38 -0.31
CA SER A 173 -9.89 18.15 0.30
C SER A 173 -10.01 17.10 -0.80
N PHE A 174 -10.62 17.44 -1.91
CA PHE A 174 -10.84 16.45 -2.99
C PHE A 174 -9.51 16.14 -3.67
N VAL A 175 -8.78 17.14 -4.10
CA VAL A 175 -7.55 16.88 -4.91
C VAL A 175 -6.52 16.14 -4.04
N SER A 176 -6.30 16.62 -2.82
CA SER A 176 -5.35 15.93 -1.91
C SER A 176 -5.92 14.65 -1.30
N PHE A 177 -7.19 14.53 -0.93
CA PHE A 177 -7.61 13.29 -0.23
C PHE A 177 -8.60 12.42 -1.03
N PHE A 178 -9.74 12.95 -1.45
CA PHE A 178 -10.80 12.11 -2.07
C PHE A 178 -10.40 11.54 -3.44
N ILE A 179 -9.80 12.32 -4.33
CA ILE A 179 -9.48 11.82 -5.69
C ILE A 179 -8.49 10.64 -5.63
N PRO A 180 -7.31 10.69 -4.93
CA PRO A 180 -6.46 9.52 -4.85
C PRO A 180 -7.10 8.36 -4.09
N LEU A 181 -7.99 8.64 -3.14
CA LEU A 181 -8.69 7.59 -2.36
C LEU A 181 -9.52 6.76 -3.32
N THR A 182 -10.21 7.43 -4.23
CA THR A 182 -11.11 6.73 -5.18
C THR A 182 -10.26 5.83 -6.08
N ILE A 183 -9.17 6.34 -6.61
CA ILE A 183 -8.32 5.56 -7.52
C ILE A 183 -7.80 4.35 -6.75
N MET A 184 -7.45 4.57 -5.49
CA MET A 184 -6.89 3.53 -4.60
C MET A 184 -7.96 2.48 -4.32
N VAL A 185 -9.22 2.86 -4.05
CA VAL A 185 -10.26 1.86 -3.67
C VAL A 185 -10.71 1.13 -4.94
N ILE A 186 -10.56 1.74 -6.14
CA ILE A 186 -10.86 1.03 -7.40
C ILE A 186 -9.74 0.02 -7.65
N THR A 187 -8.48 0.47 -7.65
CA THR A 187 -7.31 -0.39 -8.03
C THR A 187 -7.18 -1.56 -7.06
N TYR A 188 -7.46 -1.37 -5.76
CA TYR A 188 -7.48 -2.46 -4.72
C TYR A 188 -8.51 -3.53 -5.06
N PHE A 189 -9.72 -3.14 -5.49
CA PHE A 189 -10.81 -4.07 -5.89
C PHE A 189 -10.32 -4.87 -7.10
N LEU A 190 -9.75 -4.18 -8.10
CA LEU A 190 -9.40 -4.85 -9.37
C LEU A 190 -8.20 -5.77 -9.15
N THR A 191 -7.33 -5.44 -8.20
CA THR A 191 -6.17 -6.28 -7.86
C THR A 191 -6.67 -7.53 -7.14
N ILE A 192 -7.70 -7.41 -6.29
CA ILE A 192 -8.28 -8.62 -5.64
C ILE A 192 -8.94 -9.49 -6.72
N LYS A 193 -9.72 -8.89 -7.62
CA LYS A 193 -10.39 -9.64 -8.72
C LYS A 193 -9.34 -10.27 -9.66
N SER A 194 -8.17 -9.66 -9.85
CA SER A 194 -7.11 -10.21 -10.73
C SER A 194 -6.57 -11.49 -10.10
N LEU A 195 -6.35 -11.53 -8.78
CA LEU A 195 -5.74 -12.68 -8.09
C LEU A 195 -6.77 -13.77 -7.86
N GLN A 196 -8.04 -13.45 -7.85
CA GLN A 196 -9.08 -14.49 -7.80
C GLN A 196 -9.18 -15.16 -9.17
N LYS A 197 -8.98 -14.42 -10.27
CA LYS A 197 -8.97 -15.01 -11.64
C LYS A 197 -7.74 -15.94 -11.77
N GLU A 198 -6.56 -15.49 -11.33
CA GLU A 198 -5.29 -16.23 -11.50
C GLU A 198 -5.27 -17.48 -10.61
N ALA A 199 -5.81 -17.42 -9.40
CA ALA A 199 -6.01 -18.63 -8.55
C ALA A 199 -7.03 -19.54 -9.24
N ALA A 200 -8.03 -18.98 -9.93
CA ALA A 200 -9.12 -19.76 -10.59
C ALA A 200 -8.56 -20.41 -11.87
N ASP A 201 -7.80 -19.68 -12.68
CA ASP A 201 -7.25 -20.18 -13.95
C ASP A 201 -6.26 -21.33 -13.67
N LEU A 202 -5.51 -21.28 -12.56
CA LEU A 202 -4.52 -22.32 -12.16
C LEU A 202 -5.24 -23.57 -11.66
N GLU A 203 -6.38 -23.43 -10.97
CA GLU A 203 -7.22 -24.58 -10.55
C GLU A 203 -7.72 -25.34 -11.78
N ASP A 204 -8.10 -24.60 -12.84
CA ASP A 204 -8.68 -25.15 -14.09
C ASP A 204 -7.63 -25.99 -14.81
N ASN A 205 -6.37 -25.54 -14.83
CA ASN A 205 -5.31 -26.21 -15.60
C ASN A 205 -4.82 -27.46 -14.85
N TRP A 206 -4.84 -27.44 -13.52
CA TRP A 206 -4.73 -28.65 -12.66
C TRP A 206 -5.75 -29.71 -13.11
N GLU A 207 -7.05 -29.40 -13.19
CA GLU A 207 -8.09 -30.37 -13.62
C GLU A 207 -8.02 -30.62 -15.13
N THR A 208 -7.14 -29.95 -15.87
CA THR A 208 -6.84 -30.37 -17.26
C THR A 208 -5.67 -31.33 -17.20
N LEU A 209 -4.65 -30.98 -16.43
CA LEU A 209 -3.41 -31.78 -16.39
C LEU A 209 -3.69 -33.08 -15.62
N ASN A 210 -4.32 -33.00 -14.47
CA ASN A 210 -4.61 -34.17 -13.61
C ASN A 210 -5.55 -35.13 -14.37
N ASP A 211 -6.50 -34.61 -15.15
CA ASP A 211 -7.48 -35.46 -15.89
C ASP A 211 -6.76 -36.25 -17.01
N ASN A 212 -5.87 -35.59 -17.76
CA ASN A 212 -5.23 -36.24 -18.92
C ASN A 212 -4.06 -37.10 -18.48
N LEU A 213 -3.54 -36.96 -17.25
CA LEU A 213 -2.58 -37.94 -16.68
C LEU A 213 -3.35 -39.22 -16.31
N LYS A 214 -4.64 -39.10 -16.00
CA LYS A 214 -5.48 -40.27 -15.71
C LYS A 214 -5.94 -40.88 -17.04
N VAL A 215 -5.99 -40.09 -18.11
CA VAL A 215 -6.44 -40.56 -19.45
C VAL A 215 -5.31 -41.39 -20.05
N ILE A 216 -4.08 -40.89 -19.95
CA ILE A 216 -2.86 -41.53 -20.53
C ILE A 216 -2.64 -42.92 -19.89
N GLU A 217 -2.79 -43.05 -18.57
CA GLU A 217 -2.55 -44.34 -17.87
C GLU A 217 -3.76 -45.29 -18.02
N LYS A 218 -4.86 -44.88 -18.65
CA LYS A 218 -5.97 -45.82 -18.97
C LYS A 218 -5.88 -46.28 -20.42
N ALA A 219 -5.01 -45.67 -21.24
CA ALA A 219 -5.11 -45.78 -22.72
C ALA A 219 -4.67 -47.17 -23.20
N ASP A 220 -5.29 -47.63 -24.31
CA ASP A 220 -4.99 -48.86 -25.09
C ASP A 220 -4.13 -48.48 -26.30
N ASN A 221 -4.37 -47.31 -26.88
CA ASN A 221 -3.87 -46.93 -28.23
C ASN A 221 -3.13 -45.59 -28.19
N ALA A 222 -2.40 -45.31 -29.27
CA ALA A 222 -1.54 -44.13 -29.41
C ALA A 222 -2.42 -42.92 -29.68
N ALA A 223 -3.64 -43.10 -30.17
CA ALA A 223 -4.51 -41.94 -30.51
C ALA A 223 -4.93 -41.25 -29.20
N GLN A 224 -5.22 -42.04 -28.15
CA GLN A 224 -5.71 -41.50 -26.86
C GLN A 224 -4.59 -40.75 -26.13
N VAL A 225 -3.35 -41.20 -26.25
CA VAL A 225 -2.21 -40.57 -25.54
C VAL A 225 -1.87 -39.26 -26.26
N LYS A 226 -1.87 -39.26 -27.60
CA LYS A 226 -1.51 -38.10 -28.46
C LYS A 226 -2.57 -37.00 -28.29
N ASP A 227 -3.85 -37.37 -28.22
CA ASP A 227 -4.98 -36.44 -27.95
C ASP A 227 -4.78 -35.82 -26.56
N ALA A 228 -4.46 -36.63 -25.53
CA ALA A 228 -4.38 -36.20 -24.12
C ALA A 228 -3.10 -35.41 -23.90
N LEU A 229 -2.01 -35.75 -24.57
CA LEU A 229 -0.75 -34.95 -24.47
C LEU A 229 -0.96 -33.60 -25.18
N THR A 230 -1.77 -33.53 -26.24
CA THR A 230 -2.07 -32.28 -27.00
C THR A 230 -2.83 -31.31 -26.09
N LYS A 231 -3.83 -31.80 -25.35
CA LYS A 231 -4.64 -30.99 -24.42
C LYS A 231 -3.87 -30.69 -23.14
N MET A 232 -2.82 -31.45 -22.84
CA MET A 232 -1.99 -31.11 -21.65
C MET A 232 -1.07 -29.95 -22.04
N ARG A 233 -0.54 -29.96 -23.26
CA ARG A 233 0.38 -28.88 -23.72
C ARG A 233 -0.37 -27.56 -23.80
N ALA A 234 -1.60 -27.57 -24.31
CA ALA A 234 -2.41 -26.36 -24.39
C ALA A 234 -2.56 -25.76 -22.98
N ALA A 235 -2.91 -26.60 -22.02
CA ALA A 235 -3.11 -26.12 -20.64
C ALA A 235 -1.77 -25.70 -20.06
N ALA A 236 -0.68 -26.34 -20.48
CA ALA A 236 0.71 -26.03 -20.02
C ALA A 236 1.07 -24.58 -20.42
N LEU A 237 0.54 -24.12 -21.56
CA LEU A 237 0.82 -22.80 -22.20
C LEU A 237 0.24 -21.64 -21.35
N ASP A 238 -0.79 -21.85 -20.52
CA ASP A 238 -1.37 -20.72 -19.73
C ASP A 238 -0.49 -20.34 -18.52
N ALA A 239 0.01 -21.31 -17.76
CA ALA A 239 0.90 -21.06 -16.60
C ALA A 239 2.32 -20.69 -17.06
N ASP A 245 8.16 -23.52 -19.49
CA ASP A 245 8.84 -24.02 -20.72
C ASP A 245 9.26 -25.48 -20.50
N ILE A 246 9.77 -25.79 -19.31
CA ILE A 246 10.30 -27.16 -19.04
C ILE A 246 9.19 -28.17 -19.25
N LEU A 247 8.01 -27.91 -18.71
CA LEU A 247 6.87 -28.84 -18.83
C LEU A 247 6.50 -28.96 -20.31
N VAL A 248 6.42 -27.83 -21.02
CA VAL A 248 5.92 -27.86 -22.42
C VAL A 248 6.86 -28.74 -23.26
N GLY A 249 8.17 -28.57 -23.09
CA GLY A 249 9.14 -29.39 -23.82
C GLY A 249 9.04 -30.84 -23.42
N GLN A 250 8.88 -31.10 -22.13
CA GLN A 250 8.76 -32.48 -21.61
C GLN A 250 7.51 -33.12 -22.23
N ILE A 251 6.41 -32.38 -22.32
CA ILE A 251 5.18 -32.88 -22.97
C ILE A 251 5.46 -33.11 -24.47
N ASP A 252 6.06 -32.12 -25.14
CA ASP A 252 6.30 -32.23 -26.60
C ASP A 252 7.18 -33.45 -26.84
N ASP A 253 8.06 -33.74 -25.89
CA ASP A 253 8.97 -34.91 -26.01
C ASP A 253 8.14 -36.17 -26.01
N ALA A 254 7.12 -36.23 -25.17
CA ALA A 254 6.30 -37.46 -25.07
C ALA A 254 5.33 -37.54 -26.25
N LEU A 255 5.08 -36.43 -26.94
CA LEU A 255 4.13 -36.44 -28.09
C LEU A 255 4.69 -37.26 -29.25
N LYS A 256 5.92 -37.01 -29.68
CA LYS A 256 6.60 -37.73 -30.80
C LYS A 256 6.66 -39.22 -30.44
N LEU A 257 6.82 -39.58 -29.16
CA LEU A 257 6.70 -40.99 -28.72
C LEU A 257 5.32 -41.51 -29.15
N ALA A 258 4.26 -40.75 -28.85
CA ALA A 258 2.88 -41.16 -29.16
C ALA A 258 2.67 -41.08 -30.68
N ASN A 259 3.28 -40.11 -31.36
CA ASN A 259 3.19 -39.99 -32.84
C ASN A 259 3.83 -41.24 -33.46
N GLU A 260 4.94 -41.70 -32.87
CA GLU A 260 5.71 -42.88 -33.33
C GLU A 260 4.99 -44.18 -32.93
N GLY A 261 3.87 -44.07 -32.19
CA GLY A 261 3.02 -45.22 -31.85
C GLY A 261 3.52 -45.93 -30.61
N LYS A 262 4.50 -45.34 -29.93
CA LYS A 262 5.10 -45.91 -28.70
C LYS A 262 4.24 -45.57 -27.48
N VAL A 263 3.08 -46.20 -27.38
CA VAL A 263 2.08 -45.96 -26.31
C VAL A 263 2.72 -46.21 -24.94
N LYS A 264 3.35 -47.39 -24.80
CA LYS A 264 3.92 -47.92 -23.54
C LYS A 264 5.02 -46.95 -23.09
N GLU A 265 5.87 -46.57 -24.06
CA GLU A 265 7.04 -45.69 -23.85
C GLU A 265 6.48 -44.33 -23.48
N ALA A 266 5.40 -43.92 -24.15
CA ALA A 266 4.67 -42.66 -23.85
C ALA A 266 4.05 -42.72 -22.44
N GLN A 267 3.54 -43.88 -22.00
CA GLN A 267 2.76 -44.00 -20.74
C GLN A 267 3.67 -43.83 -19.52
N ALA A 268 4.89 -44.39 -19.53
CA ALA A 268 5.91 -44.22 -18.45
C ALA A 268 6.59 -42.84 -18.57
N ALA A 269 6.52 -42.21 -19.74
CA ALA A 269 7.07 -40.85 -19.98
C ALA A 269 6.19 -39.82 -19.26
N ALA A 270 4.87 -40.05 -19.27
CA ALA A 270 3.88 -39.07 -18.76
C ALA A 270 3.76 -39.15 -17.23
N GLU A 271 4.15 -40.25 -16.58
CA GLU A 271 4.21 -40.28 -15.08
C GLU A 271 5.52 -39.64 -14.63
N GLN A 272 6.48 -39.44 -15.56
CA GLN A 272 7.69 -38.61 -15.28
C GLN A 272 7.27 -37.14 -15.32
N LEU A 273 6.27 -36.78 -16.12
CA LEU A 273 5.69 -35.39 -16.17
C LEU A 273 5.04 -35.04 -14.83
N LYS A 274 4.46 -36.04 -14.14
CA LYS A 274 3.60 -35.85 -12.95
C LYS A 274 4.42 -35.25 -11.82
N THR A 275 5.69 -35.61 -11.68
CA THR A 275 6.60 -35.06 -10.65
C THR A 275 6.99 -33.62 -11.02
N THR A 276 7.02 -33.28 -12.32
CA THR A 276 7.32 -31.92 -12.85
C THR A 276 6.06 -31.04 -12.72
N ILE A 277 4.86 -31.60 -12.88
CA ILE A 277 3.58 -30.83 -12.83
C ILE A 277 3.37 -30.29 -11.41
N ASN A 278 3.51 -31.14 -10.39
CA ASN A 278 3.41 -30.75 -8.96
C ASN A 278 4.42 -29.67 -8.60
N ALA A 279 5.60 -29.68 -9.23
CA ALA A 279 6.71 -28.75 -8.92
C ALA A 279 6.34 -27.35 -9.41
N TYR A 280 5.64 -27.22 -10.54
CA TYR A 280 5.31 -25.88 -11.12
C TYR A 280 3.91 -25.45 -10.66
N ILE A 281 2.97 -26.37 -10.42
CA ILE A 281 1.60 -26.04 -9.92
C ILE A 281 1.77 -25.42 -8.52
N GLN A 282 2.52 -26.04 -7.62
CA GLN A 282 2.57 -25.61 -6.20
C GLN A 282 3.53 -24.41 -6.08
N LYS A 283 4.34 -24.10 -7.09
CA LYS A 283 5.26 -22.91 -7.06
C LYS A 283 4.47 -21.66 -7.43
N TYR A 284 3.83 -21.64 -8.60
CA TYR A 284 2.95 -20.54 -9.09
C TYR A 284 1.75 -20.38 -8.13
N GLY A 285 1.36 -21.44 -7.42
CA GLY A 285 0.20 -21.42 -6.52
C GLY A 285 0.56 -21.03 -5.10
N GLN A 286 1.83 -21.20 -4.69
CA GLN A 286 2.31 -20.60 -3.40
C GLN A 286 2.40 -19.09 -3.62
N SER A 287 2.92 -18.67 -4.76
CA SER A 287 3.21 -17.24 -5.07
C SER A 287 1.92 -16.44 -5.32
N ILE A 288 0.83 -17.06 -5.79
CA ILE A 288 -0.51 -16.40 -5.86
C ILE A 288 -0.96 -16.15 -4.43
N SER A 289 -0.79 -17.11 -3.52
CA SER A 289 -1.28 -17.02 -2.12
C SER A 289 -0.49 -15.95 -1.35
N ASN A 290 0.78 -15.77 -1.69
CA ASN A 290 1.68 -14.77 -1.05
C ASN A 290 1.21 -13.35 -1.41
N GLU A 291 0.88 -13.09 -2.68
CA GLU A 291 0.36 -11.79 -3.17
C GLU A 291 -0.96 -11.45 -2.44
N GLN A 292 -1.90 -12.39 -2.35
CA GLN A 292 -3.22 -12.19 -1.67
C GLN A 292 -3.00 -11.92 -0.17
N LYS A 293 -2.03 -12.59 0.46
CA LYS A 293 -1.65 -12.32 1.88
C LYS A 293 -1.15 -10.86 1.97
N ALA A 294 -0.34 -10.42 0.99
CA ALA A 294 0.30 -9.09 0.94
C ALA A 294 -0.72 -8.00 0.62
N CYS A 295 -1.62 -8.27 -0.33
CA CYS A 295 -2.79 -7.42 -0.70
C CYS A 295 -3.66 -7.17 0.56
N LYS A 296 -3.83 -8.17 1.44
CA LYS A 296 -4.69 -8.05 2.65
C LYS A 296 -4.03 -7.11 3.65
N VAL A 297 -2.71 -7.17 3.78
CA VAL A 297 -1.92 -6.33 4.73
C VAL A 297 -1.96 -4.86 4.27
N LEU A 298 -1.79 -4.60 2.97
CA LEU A 298 -1.88 -3.23 2.43
C LEU A 298 -3.30 -2.71 2.55
N GLY A 299 -4.29 -3.59 2.46
CA GLY A 299 -5.69 -3.20 2.62
C GLY A 299 -5.96 -2.65 3.99
N ILE A 300 -5.38 -3.24 5.03
CA ILE A 300 -5.51 -2.76 6.44
C ILE A 300 -4.87 -1.37 6.51
N VAL A 301 -3.70 -1.18 5.89
CA VAL A 301 -2.98 0.12 5.85
C VAL A 301 -3.89 1.14 5.16
N PHE A 302 -4.48 0.78 4.02
CA PHE A 302 -5.41 1.65 3.26
C PHE A 302 -6.64 1.95 4.11
N PHE A 303 -7.25 0.93 4.73
CA PHE A 303 -8.50 1.04 5.52
C PHE A 303 -8.30 2.05 6.66
N LEU A 304 -7.19 1.94 7.39
CA LEU A 304 -6.97 2.76 8.58
C LEU A 304 -6.75 4.22 8.19
N PHE A 305 -6.06 4.53 7.09
CA PHE A 305 -5.84 5.93 6.65
C PHE A 305 -7.19 6.56 6.30
N VAL A 306 -8.07 5.85 5.62
CA VAL A 306 -9.37 6.45 5.20
C VAL A 306 -10.20 6.66 6.46
N VAL A 307 -10.38 5.62 7.26
CA VAL A 307 -11.29 5.67 8.45
C VAL A 307 -10.82 6.72 9.46
N MET A 308 -9.52 6.77 9.75
CA MET A 308 -9.00 7.70 10.77
C MET A 308 -9.09 9.15 10.29
N TRP A 309 -8.89 9.40 8.99
CA TRP A 309 -8.91 10.80 8.48
C TRP A 309 -10.31 11.21 8.04
N CYS A 310 -11.23 10.27 7.90
CA CYS A 310 -12.59 10.59 7.39
C CYS A 310 -13.30 11.57 8.32
N PRO A 311 -13.30 11.44 9.67
CA PRO A 311 -14.04 12.39 10.48
C PRO A 311 -13.55 13.82 10.24
N PHE A 312 -12.24 14.03 10.16
CA PHE A 312 -11.68 15.38 9.96
C PHE A 312 -12.12 15.94 8.61
N PHE A 313 -12.03 15.15 7.55
CA PHE A 313 -12.27 15.69 6.19
C PHE A 313 -13.76 15.91 5.97
N ILE A 314 -14.63 15.13 6.61
CA ILE A 314 -16.10 15.31 6.46
C ILE A 314 -16.48 16.57 7.23
N THR A 315 -16.00 16.74 8.47
CA THR A 315 -16.28 17.92 9.34
C THR A 315 -15.78 19.19 8.64
N ASN A 316 -14.61 19.07 8.03
CA ASN A 316 -13.93 20.12 7.24
C ASN A 316 -14.88 20.62 6.17
N ILE A 317 -15.54 19.71 5.48
CA ILE A 317 -16.53 20.04 4.42
C ILE A 317 -17.83 20.60 5.01
N MET A 318 -18.37 20.03 6.09
CA MET A 318 -19.61 20.53 6.73
C MET A 318 -19.36 21.90 7.38
N ALA A 319 -18.12 22.19 7.79
CA ALA A 319 -17.73 23.53 8.29
C ALA A 319 -17.97 24.54 7.17
N VAL A 320 -17.72 24.15 5.93
CA VAL A 320 -17.91 25.04 4.75
C VAL A 320 -19.38 25.00 4.34
N ILE A 321 -19.97 23.82 4.25
CA ILE A 321 -21.38 23.69 3.76
C ILE A 321 -22.32 24.43 4.72
N CYS A 322 -22.28 24.13 6.02
CA CYS A 322 -23.14 24.86 6.98
C CYS A 322 -22.24 25.88 7.66
N LYS A 323 -21.91 26.92 6.90
CA LYS A 323 -20.91 27.93 7.33
C LYS A 323 -21.53 28.74 8.49
N GLU A 324 -22.72 29.29 8.26
CA GLU A 324 -23.41 30.20 9.20
C GLU A 324 -24.44 29.39 10.01
N SER A 325 -25.05 28.38 9.39
CA SER A 325 -26.13 27.56 10.02
C SER A 325 -25.61 26.86 11.29
N CYS A 326 -24.37 26.33 11.25
CA CYS A 326 -23.86 25.41 12.30
C CYS A 326 -22.99 26.14 13.31
N ASN A 327 -22.88 25.56 14.51
CA ASN A 327 -22.09 26.07 15.66
C ASN A 327 -20.59 25.92 15.37
N GLU A 328 -19.99 26.91 14.72
CA GLU A 328 -18.61 26.86 14.17
C GLU A 328 -17.56 26.88 15.30
N ASP A 329 -17.96 27.23 16.52
CA ASP A 329 -17.15 27.03 17.76
C ASP A 329 -17.01 25.53 18.04
N VAL A 330 -18.12 24.80 17.98
CA VAL A 330 -18.16 23.32 18.23
C VAL A 330 -17.48 22.59 17.06
N ILE A 331 -17.77 23.01 15.82
CA ILE A 331 -17.19 22.41 14.58
C ILE A 331 -15.67 22.60 14.57
N GLY A 332 -15.18 23.77 15.02
CA GLY A 332 -13.75 24.00 15.23
C GLY A 332 -13.20 23.08 16.31
N ALA A 333 -13.97 22.84 17.39
CA ALA A 333 -13.56 21.99 18.53
C ALA A 333 -13.54 20.53 18.08
N LEU A 334 -14.39 20.16 17.14
CA LEU A 334 -14.37 18.77 16.64
C LEU A 334 -13.11 18.55 15.80
N LEU A 335 -12.69 19.55 15.02
CA LEU A 335 -11.51 19.43 14.13
C LEU A 335 -10.26 19.25 14.99
N ASN A 336 -10.20 19.95 16.14
CA ASN A 336 -9.02 19.90 17.03
C ASN A 336 -8.85 18.49 17.61
N VAL A 337 -9.95 17.73 17.72
CA VAL A 337 -9.95 16.30 18.19
C VAL A 337 -9.58 15.41 16.99
N PHE A 338 -10.28 15.63 15.88
CA PHE A 338 -10.25 14.74 14.68
C PHE A 338 -8.90 14.81 13.95
N VAL A 339 -8.25 15.96 13.94
CA VAL A 339 -6.86 16.11 13.41
C VAL A 339 -5.90 15.18 14.19
N TRP A 340 -6.16 14.88 15.47
CA TRP A 340 -5.27 14.01 16.29
C TRP A 340 -5.62 12.52 16.14
N ILE A 341 -6.85 12.18 15.78
CA ILE A 341 -7.20 10.79 15.37
C ILE A 341 -6.38 10.46 14.12
N GLY A 342 -6.31 11.38 13.16
CA GLY A 342 -5.53 11.18 11.93
C GLY A 342 -4.06 11.21 12.23
N TYR A 343 -3.62 11.96 13.23
CA TYR A 343 -2.18 11.97 13.61
C TYR A 343 -1.79 10.61 14.18
N LEU A 344 -2.74 9.94 14.89
CA LEU A 344 -2.57 8.59 15.49
C LEU A 344 -2.31 7.58 14.38
N ASN A 345 -2.71 7.87 13.14
CA ASN A 345 -2.48 6.99 11.98
C ASN A 345 -1.00 6.87 11.67
N SER A 346 -0.22 7.89 12.00
CA SER A 346 1.24 7.86 11.78
C SER A 346 1.88 6.76 12.64
N ALA A 347 1.29 6.41 13.78
CA ALA A 347 1.87 5.45 14.74
C ALA A 347 1.54 4.00 14.36
N VAL A 348 0.55 3.79 13.50
CA VAL A 348 -0.07 2.44 13.32
C VAL A 348 0.35 1.76 12.03
N ASN A 349 1.02 2.41 11.07
CA ASN A 349 1.65 1.65 9.96
C ASN A 349 2.60 0.61 10.56
N PRO A 350 3.59 0.95 11.41
CA PRO A 350 4.56 -0.04 11.89
C PRO A 350 4.01 -1.14 12.82
N LEU A 351 2.88 -0.95 13.47
CA LEU A 351 2.26 -2.00 14.30
C LEU A 351 1.68 -3.10 13.39
N VAL A 352 1.05 -2.73 12.26
CA VAL A 352 0.48 -3.68 11.26
C VAL A 352 1.61 -4.56 10.74
N TYR A 353 2.75 -3.94 10.47
CA TYR A 353 3.94 -4.62 9.91
C TYR A 353 4.45 -5.65 10.91
N THR A 354 4.45 -5.33 12.21
CA THR A 354 4.78 -6.26 13.32
C THR A 354 3.79 -7.43 13.27
N LEU A 355 2.49 -7.14 13.30
CA LEU A 355 1.46 -8.17 13.53
C LEU A 355 1.31 -9.06 12.30
N PHE A 356 1.46 -8.54 11.08
CA PHE A 356 1.07 -9.29 9.85
C PHE A 356 2.28 -9.59 8.98
N ASN A 357 3.53 -9.32 9.39
CA ASN A 357 4.71 -9.75 8.60
C ASN A 357 5.81 -10.23 9.55
N LYS A 358 6.21 -11.50 9.37
CA LYS A 358 7.34 -12.16 10.08
C LYS A 358 8.63 -11.41 9.77
N THR A 359 8.74 -10.74 8.62
CA THR A 359 10.05 -10.19 8.18
C THR A 359 10.27 -8.87 8.92
N TYR A 360 9.23 -8.05 9.04
CA TYR A 360 9.29 -6.77 9.80
C TYR A 360 9.43 -7.06 11.29
N ARG A 361 8.66 -8.02 11.82
CA ARG A 361 8.67 -8.37 13.27
C ARG A 361 10.07 -8.84 13.71
N SER A 362 10.71 -9.73 12.95
CA SER A 362 12.06 -10.29 13.24
C SER A 362 13.10 -9.16 13.18
N ALA A 363 12.97 -8.31 12.17
CA ALA A 363 13.82 -7.11 11.98
C ALA A 363 13.64 -6.18 13.17
N PHE A 364 12.41 -5.83 13.55
CA PHE A 364 12.12 -4.89 14.67
C PHE A 364 12.62 -5.47 15.99
N SER A 365 12.61 -6.81 16.13
CA SER A 365 13.09 -7.54 17.34
C SER A 365 14.61 -7.35 17.51
N ARG A 366 15.35 -7.52 16.41
CA ARG A 366 16.85 -7.40 16.41
C ARG A 366 17.24 -5.94 16.65
N TYR A 367 16.55 -5.00 16.01
CA TYR A 367 16.89 -3.55 16.08
C TYR A 367 16.69 -3.07 17.52
N ILE A 368 15.60 -3.49 18.17
CA ILE A 368 15.36 -3.17 19.59
C ILE A 368 16.49 -3.79 20.44
N GLN A 369 16.90 -5.05 20.18
N GLN A 369 16.87 -5.04 20.15
CA GLN A 369 18.01 -5.68 20.95
CA GLN A 369 18.00 -5.75 20.84
C GLN A 369 19.37 -5.19 20.40
C GLN A 369 19.36 -5.18 20.40
N CYS A 370 19.35 -4.21 19.47
CA CYS A 370 20.54 -3.49 18.93
C CYS A 370 21.48 -4.40 18.11
N GLN A 371 21.00 -5.51 17.54
CA GLN A 371 21.75 -6.31 16.54
C GLN A 371 21.35 -5.83 15.13
N TYR A 372 22.29 -5.35 14.31
CA TYR A 372 21.97 -4.79 12.97
C TYR A 372 22.37 -5.75 11.84
N LYS A 373 23.18 -6.79 12.11
CA LYS A 373 23.60 -7.78 11.07
C LYS A 373 22.42 -8.70 10.75
N GLU A 374 22.24 -9.00 9.45
CA GLU A 374 21.08 -9.77 8.94
C GLU A 374 21.33 -11.26 9.22
MG MG B . -11.96 -32.85 -14.44
C1 CLR C . -22.01 19.15 15.39
C2 CLR C . -22.89 20.34 15.78
C3 CLR C . -23.02 21.34 14.66
C4 CLR C . -23.57 20.65 13.43
C5 CLR C . -22.68 19.50 13.00
C6 CLR C . -22.18 19.47 11.77
C7 CLR C . -21.26 18.41 11.25
C8 CLR C . -21.27 17.16 12.12
C9 CLR C . -21.22 17.52 13.62
C10 CLR C . -22.41 18.43 14.07
C11 CLR C . -21.05 16.28 14.51
C12 CLR C . -19.94 15.32 14.05
C13 CLR C . -20.07 14.93 12.57
C14 CLR C . -20.09 16.25 11.79
C15 CLR C . -19.84 15.85 10.35
C16 CLR C . -18.88 14.67 10.44
C17 CLR C . -18.85 14.20 11.92
C18 CLR C . -21.34 14.08 12.36
C19 CLR C . -23.70 17.62 14.28
C20 CLR C . -18.70 12.66 12.09
C21 CLR C . -17.92 12.27 13.35
C22 CLR C . -18.08 11.99 10.85
C23 CLR C . -17.66 10.53 11.05
C24 CLR C . -17.40 9.78 9.76
C25 CLR C . -16.53 8.51 9.88
C26 CLR C . -16.77 7.75 11.20
C27 CLR C . -16.76 7.55 8.71
O1 CLR C . -23.91 22.41 15.03
C9 OLC D . 8.06 26.82 1.92
C8 OLC D . 8.54 28.08 1.25
C24 OLC D . 8.34 36.25 10.68
C7 OLC D . 8.36 29.36 2.09
C6 OLC D . 9.29 29.52 3.30
C5 OLC D . 9.70 30.93 3.58
C4 OLC D . 8.85 31.68 4.59
C3 OLC D . 9.38 31.68 6.01
C2 OLC D . 8.86 32.82 6.83
C21 OLC D . 9.43 34.01 10.29
C1 OLC D . 9.51 32.92 8.20
C22 OLC D . 9.64 35.46 10.65
O19 OLC D . 10.38 32.21 8.62
O25 OLC D . 8.56 37.60 11.06
O23 OLC D . 10.32 35.50 11.91
O20 OLC D . 9.02 33.94 8.91
C10 OLC E . 13.40 7.65 -0.11
C9 OLC E . 13.32 8.97 -0.10
C11 OLC E . 12.61 6.68 -0.94
C8 OLC E . 12.33 9.82 -0.82
C24 OLC E . 9.91 21.75 -1.16
C7 OLC E . 12.38 11.30 -0.45
C6 OLC E . 11.78 11.60 0.91
C5 OLC E . 12.06 12.97 1.40
C4 OLC E . 10.89 13.91 1.31
C3 OLC E . 11.15 15.26 1.98
C2 OLC E . 10.20 16.35 1.57
C21 OLC E . 10.46 19.47 -0.29
C1 OLC E . 10.84 17.35 0.64
C22 OLC E . 10.47 20.96 0.01
O19 OLC E . 11.55 17.01 -0.27
O25 OLC E . 10.47 23.06 -1.27
O23 OLC E . 9.76 21.24 1.22
O20 OLC E . 10.50 18.63 0.89
N1 7LD F . -6.05 18.67 2.19
N3 7LD F . -3.89 21.75 10.98
C4 7LD F . -7.48 20.67 2.81
C5 7LD F . -7.75 21.48 3.90
C6 7LD F . -6.20 20.33 5.35
C7 7LD F . -5.05 18.40 4.19
C8 7LD F . -5.14 17.91 2.92
C10 7LD F . -5.30 20.93 7.59
C13 7LD F . -4.53 19.10 9.13
C15 7LD F . -4.27 18.06 5.44
C17 7LD F . -2.44 21.58 10.74
C20 7LD F . -3.79 21.16 13.41
N2 7LD F . -4.11 18.36 7.92
C12 7LD F . -3.95 16.92 8.24
C11 7LD F . -4.98 18.57 6.74
C3 7LD F . -5.94 19.48 4.25
C1 7LD F . -6.56 19.65 3.00
C2 7LD F . -7.13 21.35 5.16
C9 7LD F . -5.48 20.03 6.61
C14 7LD F . -4.47 20.62 8.84
C16 7LD F . -4.82 21.53 10.03
O1 7LD F . -5.92 22.10 10.08
C19 7LD F . -4.28 22.14 12.35
C18 7LD F . -1.84 22.68 9.87
OH2 1PE G . -0.84 -34.39 -8.93
C12 1PE G . -2.02 -34.59 -8.17
C22 1PE G . -1.81 -34.18 -6.75
OH3 1PE G . -1.34 -32.84 -6.69
C13 1PE G . -2.47 -31.85 -4.82
C23 1PE G . -1.15 -32.37 -5.36
OH4 1PE G . -2.70 -30.51 -5.27
C14 1PE G . -3.99 -28.51 -5.08
C24 1PE G . -3.96 -29.99 -4.88
OH5 1PE G . -3.16 -27.91 -4.08
C15 1PE G . -2.73 -26.03 -2.69
C25 1PE G . -3.25 -26.49 -4.03
OH6 1PE G . -2.55 -24.61 -2.68
C16 1PE G . -3.37 -22.49 -3.48
C26 1PE G . -3.73 -23.88 -3.04
OH7 1PE G . -4.21 -22.03 -4.52
C18 OLC H . -3.33 31.27 -15.32
C10 OLC H . -5.45 33.64 -5.80
C9 OLC H . -5.38 32.51 -5.09
C17 OLC H . -4.30 31.41 -14.17
C11 OLC H . -5.92 33.87 -7.21
C8 OLC H . -5.50 31.06 -5.48
C24 OLC H . -4.06 22.52 -0.99
C16 OLC H . -3.71 32.02 -12.93
C12 OLC H . -4.79 33.92 -8.23
C7 OLC H . -5.62 30.72 -6.95
C15 OLC H . -4.73 32.58 -11.95
C13 OLC H . -5.21 33.69 -9.69
C6 OLC H . -5.04 29.36 -7.37
C14 OLC H . -4.18 33.06 -10.60
C5 OLC H . -5.48 28.16 -6.56
C4 OLC H . -5.11 26.84 -7.17
C3 OLC H . -5.17 25.65 -6.21
C2 OLC H . -4.55 24.37 -6.80
C21 OLC H . -4.43 22.65 -3.50
C1 OLC H . -4.13 23.31 -5.77
C22 OLC H . -4.68 23.27 -2.15
O19 OLC H . -3.64 22.25 -6.07
O25 OLC H . -4.15 21.11 -1.19
O23 OLC H . -4.18 24.60 -2.14
O20 OLC H . -4.36 23.68 -4.51
C8 OLC I . -4.31 7.34 21.72
C24 OLC I . -8.42 19.02 22.37
C7 OLC I . -4.52 8.85 21.61
C6 OLC I . -5.64 9.28 20.66
C5 OLC I . -6.06 10.73 20.79
C4 OLC I . -4.98 11.72 20.40
C3 OLC I . -4.96 12.99 21.23
C2 OLC I . -6.30 13.66 21.30
C21 OLC I . -6.67 17.34 21.62
C1 OLC I . -6.25 15.01 21.95
C22 OLC I . -7.96 17.58 22.37
O19 OLC I . -5.90 15.18 23.09
O25 OLC I . -7.53 19.85 23.10
O23 OLC I . -8.98 16.76 21.80
O20 OLC I . -6.66 15.98 21.13
C1 PEG J . -23.07 17.92 19.27
O1 PEG J . -23.20 16.71 20.02
C2 PEG J . -23.61 19.09 20.03
O2 PEG J . -23.66 20.24 19.18
C3 PEG J . -24.05 21.42 19.88
C4 PEG J . -24.39 22.52 18.89
O4 PEG J . -24.69 23.76 19.52
C1 PEG K . -8.55 26.34 16.24
O1 PEG K . -8.88 25.29 15.36
C2 PEG K . -9.75 27.04 16.77
O2 PEG K . -10.37 26.23 17.77
C3 PEG K . -11.64 26.71 18.20
C4 PEG K . -12.23 25.76 19.23
O4 PEG K . -13.52 26.15 19.67
C1 PEG L . 5.91 -7.35 0.10
O1 PEG L . 5.82 -7.60 -1.27
C2 PEG L . 4.69 -6.66 0.61
O2 PEG L . 4.76 -6.45 2.01
C3 PEG L . 3.70 -5.62 2.48
C4 PEG L . 3.88 -5.34 3.92
O4 PEG L . 4.11 -6.52 4.67
#